data_6X7J
#
_entry.id   6X7J
#
_cell.length_a   45.120
_cell.length_b   50.670
_cell.length_c   79.370
_cell.angle_alpha   90.000
_cell.angle_beta   90.000
_cell.angle_gamma   90.000
#
_symmetry.space_group_name_H-M   'P 21 21 21'
#
loop_
_entity.id
_entity.type
_entity.pdbx_description
1 polymer 'Antifreeze protein'
2 non-polymer beta-L-fucopyranose
3 non-polymer 'CALCIUM ION'
4 non-polymer 1,2-ETHANEDIOL
5 non-polymer alpha-L-fucopyranose
6 water water
#
_entity_poly.entity_id   1
_entity_poly.type   'polypeptide(L)'
_entity_poly.pdbx_seq_one_letter_code
;PDSLFAGLVGEYYGTNSQLNNISDFRALVDSKEADATFEAANISYGRGSSDVAKGTHLQEFLGSDASTLSTDPGDNTDGG
IYLQGYVYLEAGTYNFKVTADDGYEITINGNPVATVDNNQSVYTVTHASFTISESGYQAIDMIWWDQGGDYVFQPTLSAD
GGSTYFVLDSAILSSTGETPYT
;
_entity_poly.pdbx_strand_id   A
#
loop_
_chem_comp.id
_chem_comp.type
_chem_comp.name
_chem_comp.formula
CA non-polymer 'CALCIUM ION' 'Ca 2'
EDO non-polymer 1,2-ETHANEDIOL 'C2 H6 O2'
FUC L-saccharide, alpha linking alpha-L-fucopyranose 'C6 H12 O5'
FUL L-saccharide, beta linking beta-L-fucopyranose 'C6 H12 O5'
#
# COMPACT_ATOMS: atom_id res chain seq x y z
N PRO A 1 23.46 -3.45 3.50
CA PRO A 1 22.69 -2.40 2.80
C PRO A 1 21.22 -2.79 2.52
N ASP A 2 20.47 -1.89 1.84
CA ASP A 2 19.07 -1.90 1.37
C ASP A 2 19.00 -2.73 0.12
N SER A 3 18.27 -3.84 0.18
N SER A 3 18.18 -3.75 0.19
CA SER A 3 18.24 -4.72 -0.99
CA SER A 3 17.98 -4.70 -0.91
C SER A 3 17.46 -4.05 -2.13
C SER A 3 17.42 -3.99 -2.15
N LEU A 4 17.90 -4.39 -3.32
CA LEU A 4 17.30 -3.94 -4.59
C LEU A 4 16.37 -5.03 -5.11
N PHE A 5 15.09 -4.70 -5.19
CA PHE A 5 14.11 -5.61 -5.74
C PHE A 5 13.05 -4.78 -6.45
N ALA A 6 12.25 -5.45 -7.28
CA ALA A 6 11.21 -4.81 -8.09
C ALA A 6 9.92 -4.78 -7.27
N GLY A 7 9.85 -3.82 -6.33
CA GLY A 7 8.77 -3.71 -5.38
C GLY A 7 9.04 -2.56 -4.43
N LEU A 8 8.05 -2.31 -3.57
CA LEU A 8 8.24 -1.37 -2.48
C LEU A 8 8.66 -2.11 -1.20
N VAL A 9 9.40 -1.40 -0.35
CA VAL A 9 9.72 -1.91 1.00
C VAL A 9 8.44 -1.92 1.81
N GLY A 10 8.04 -3.09 2.28
CA GLY A 10 6.82 -3.24 3.07
C GLY A 10 7.09 -3.50 4.53
N GLU A 11 6.28 -2.84 5.38
CA GLU A 11 6.24 -3.09 6.83
C GLU A 11 4.79 -3.30 7.23
N TYR A 12 4.57 -4.31 8.07
CA TYR A 12 3.27 -4.58 8.68
C TYR A 12 3.36 -4.28 10.18
N TYR A 13 2.32 -3.62 10.68
CA TYR A 13 2.17 -3.33 12.12
C TYR A 13 0.80 -3.76 12.56
N GLY A 14 0.75 -4.48 13.69
CA GLY A 14 -0.50 -4.84 14.37
C GLY A 14 -0.63 -4.10 15.69
N THR A 15 -1.89 -4.01 16.16
CA THR A 15 -2.15 -3.36 17.46
C THR A 15 -3.47 -3.91 18.01
N ASN A 16 -3.64 -3.78 19.33
CA ASN A 16 -4.91 -4.08 19.99
C ASN A 16 -5.67 -2.83 20.38
N SER A 17 -5.21 -1.69 19.91
CA SER A 17 -5.93 -0.41 19.96
C SER A 17 -6.71 -0.20 18.67
N GLN A 18 -7.66 0.74 18.73
CA GLN A 18 -8.49 1.02 17.55
C GLN A 18 -7.73 1.96 16.60
N LEU A 19 -7.75 1.60 15.32
CA LEU A 19 -7.28 2.49 14.24
C LEU A 19 -8.48 3.17 13.63
N ASN A 20 -8.60 4.49 13.78
CA ASN A 20 -9.72 5.28 13.23
C ASN A 20 -9.34 6.11 12.00
N ASN A 21 -8.07 6.35 11.76
CA ASN A 21 -7.67 7.38 10.79
C ASN A 21 -6.19 7.20 10.49
N ILE A 22 -5.72 8.01 9.54
CA ILE A 22 -4.33 7.92 9.09
C ILE A 22 -3.38 8.20 10.24
N SER A 23 -3.69 9.23 11.02
CA SER A 23 -2.86 9.61 12.19
C SER A 23 -2.63 8.45 13.14
N ASP A 24 -3.68 7.69 13.40
CA ASP A 24 -3.58 6.55 14.33
C ASP A 24 -2.59 5.53 13.74
N PHE A 25 -2.72 5.22 12.47
CA PHE A 25 -1.83 4.22 11.88
C PHE A 25 -0.39 4.75 11.85
N ARG A 26 -0.19 6.00 11.45
CA ARG A 26 1.18 6.58 11.43
C ARG A 26 1.78 6.54 12.84
N ALA A 27 0.97 6.83 13.88
CA ALA A 27 1.49 6.78 15.25
C ALA A 27 1.90 5.35 15.60
N LEU A 28 1.14 4.35 15.15
CA LEU A 28 1.52 2.95 15.38
C LEU A 28 2.87 2.66 14.74
N VAL A 29 3.07 3.07 13.49
CA VAL A 29 4.34 2.88 12.79
C VAL A 29 5.49 3.51 13.57
N ASP A 30 5.28 4.73 14.10
CA ASP A 30 6.30 5.45 14.87
C ASP A 30 6.62 4.77 16.20
N SER A 31 5.73 3.96 16.70
CA SER A 31 5.81 3.53 18.11
C SER A 31 6.72 2.31 18.34
N LYS A 32 7.08 1.59 17.29
CA LYS A 32 7.77 0.31 17.49
C LYS A 32 8.40 -0.11 16.19
N GLU A 33 9.18 -1.17 16.21
CA GLU A 33 9.67 -1.82 15.00
C GLU A 33 8.50 -2.59 14.34
N ALA A 34 8.59 -2.73 13.03
CA ALA A 34 7.57 -3.47 12.29
C ALA A 34 7.38 -4.87 12.88
N ASP A 35 6.16 -5.34 12.93
CA ASP A 35 5.89 -6.73 13.28
C ASP A 35 6.34 -7.71 12.20
N ALA A 36 6.37 -7.27 10.95
CA ALA A 36 6.97 -8.06 9.86
C ALA A 36 7.38 -7.11 8.76
N THR A 37 8.37 -7.50 7.97
CA THR A 37 8.70 -6.82 6.71
C THR A 37 8.40 -7.75 5.55
N PHE A 38 8.27 -7.16 4.38
CA PHE A 38 7.98 -7.93 3.17
C PHE A 38 8.33 -7.05 1.96
N GLU A 39 8.34 -7.68 0.79
CA GLU A 39 8.54 -7.01 -0.49
C GLU A 39 7.16 -6.86 -1.13
N ALA A 40 6.75 -5.61 -1.41
CA ALA A 40 5.44 -5.33 -2.00
C ALA A 40 5.63 -5.21 -3.51
N ALA A 41 5.52 -6.35 -4.21
CA ALA A 41 5.75 -6.42 -5.67
C ALA A 41 4.47 -6.53 -6.48
N ASN A 42 3.31 -6.72 -5.86
CA ASN A 42 2.06 -6.83 -6.62
C ASN A 42 0.97 -6.28 -5.75
N ILE A 43 0.75 -4.95 -5.84
CA ILE A 43 0.00 -4.23 -4.81
C ILE A 43 -1.49 -4.29 -5.15
N SER A 44 -2.05 -5.45 -4.90
CA SER A 44 -3.47 -5.76 -5.07
C SER A 44 -3.75 -6.84 -4.03
N TYR A 45 -4.29 -6.42 -2.89
CA TYR A 45 -4.33 -7.28 -1.68
C TYR A 45 -5.76 -7.54 -1.31
N GLY A 46 -6.04 -8.77 -0.84
CA GLY A 46 -7.38 -9.11 -0.40
C GLY A 46 -8.28 -9.41 -1.58
N ARG A 47 -9.59 -9.48 -1.37
CA ARG A 47 -10.39 -9.17 -0.17
C ARG A 47 -10.38 -10.37 0.75
N GLY A 48 -10.61 -10.14 2.06
CA GLY A 48 -10.88 -11.23 3.02
C GLY A 48 -11.74 -10.69 4.15
N SER A 49 -11.98 -11.57 5.10
CA SER A 49 -12.86 -11.35 6.24
C SER A 49 -12.20 -11.76 7.55
N SER A 50 -12.83 -11.35 8.65
CA SER A 50 -12.49 -11.82 10.01
C SER A 50 -11.13 -11.28 10.49
N ASP A 51 -10.82 -10.03 10.12
CA ASP A 51 -9.75 -9.18 10.65
C ASP A 51 -8.39 -9.50 10.00
N VAL A 52 -7.77 -8.50 9.36
CA VAL A 52 -6.50 -8.78 8.69
C VAL A 52 -5.43 -9.24 9.69
N ALA A 53 -5.53 -8.78 10.94
CA ALA A 53 -4.47 -8.96 11.93
C ALA A 53 -4.57 -10.29 12.68
N LYS A 54 -5.60 -11.11 12.39
N LYS A 54 -5.59 -11.08 12.35
N LYS A 54 -5.60 -11.09 12.37
CA LYS A 54 -5.87 -12.43 13.03
CA LYS A 54 -5.82 -12.38 13.02
CA LYS A 54 -5.79 -12.40 13.03
C LYS A 54 -5.27 -13.55 12.18
C LYS A 54 -5.28 -13.54 12.18
C LYS A 54 -5.25 -13.54 12.18
N GLY A 55 -4.75 -14.56 12.85
CA GLY A 55 -4.41 -15.83 12.19
C GLY A 55 -3.52 -15.62 10.97
N THR A 56 -3.91 -16.28 9.88
CA THR A 56 -3.13 -16.19 8.63
C THR A 56 -3.80 -15.24 7.62
N HIS A 57 -4.64 -14.33 8.12
CA HIS A 57 -5.33 -13.42 7.19
C HIS A 57 -4.35 -12.50 6.47
N LEU A 58 -3.27 -12.06 7.14
CA LEU A 58 -2.30 -11.19 6.47
C LEU A 58 -1.66 -11.91 5.30
N GLN A 59 -1.29 -13.17 5.51
CA GLN A 59 -0.68 -13.99 4.44
C GLN A 59 -1.64 -14.07 3.26
N GLU A 60 -2.91 -14.34 3.54
CA GLU A 60 -3.91 -14.46 2.49
C GLU A 60 -4.05 -13.13 1.73
N PHE A 61 -4.11 -12.04 2.49
CA PHE A 61 -4.24 -10.69 1.93
C PHE A 61 -3.08 -10.35 1.01
N LEU A 62 -1.85 -10.58 1.47
CA LEU A 62 -0.64 -10.25 0.71
C LEU A 62 -0.41 -11.20 -0.45
N GLY A 63 -0.97 -12.41 -0.41
CA GLY A 63 -0.92 -13.34 -1.52
C GLY A 63 0.45 -13.60 -2.01
N SER A 64 0.66 -13.26 -3.31
CA SER A 64 1.88 -13.35 -4.08
C SER A 64 3.04 -12.69 -3.38
N ASP A 65 2.87 -11.75 -2.47
CA ASP A 65 3.95 -11.06 -1.74
C ASP A 65 4.24 -11.70 -0.38
N ALA A 66 3.36 -12.57 0.12
CA ALA A 66 3.51 -13.12 1.47
C ALA A 66 4.74 -14.02 1.64
N SER A 67 5.27 -14.60 0.54
CA SER A 67 6.46 -15.46 0.65
C SER A 67 7.70 -14.70 1.07
N THR A 68 7.65 -13.38 1.06
CA THR A 68 8.75 -12.54 1.50
C THR A 68 8.58 -12.03 2.93
N LEU A 69 7.55 -12.46 3.65
CA LEU A 69 7.39 -12.04 5.05
C LEU A 69 8.59 -12.48 5.88
N SER A 70 9.05 -11.57 6.74
CA SER A 70 10.18 -11.84 7.63
C SER A 70 9.77 -12.74 8.82
N THR A 71 8.50 -12.71 9.18
CA THR A 71 7.97 -13.51 10.29
C THR A 71 6.48 -13.62 10.05
N ASP A 72 5.85 -14.50 10.82
CA ASP A 72 4.37 -14.63 10.90
C ASP A 72 3.93 -13.87 12.13
N PRO A 73 3.37 -12.66 12.00
CA PRO A 73 2.92 -11.93 13.17
C PRO A 73 1.95 -12.74 14.02
N GLY A 74 1.97 -12.47 15.34
CA GLY A 74 0.93 -12.99 16.21
C GLY A 74 -0.40 -12.25 15.98
N ASP A 75 -1.43 -12.68 16.69
CA ASP A 75 -2.74 -12.06 16.54
C ASP A 75 -2.72 -10.64 17.10
N ASN A 76 -3.48 -9.79 16.42
CA ASN A 76 -3.86 -8.44 16.91
C ASN A 76 -5.30 -8.21 16.44
N THR A 77 -5.94 -7.17 17.01
CA THR A 77 -7.29 -6.82 16.54
C THR A 77 -7.26 -6.00 15.27
N ASP A 78 -6.28 -5.10 15.14
CA ASP A 78 -6.20 -4.09 14.09
C ASP A 78 -4.82 -4.18 13.48
N GLY A 79 -4.65 -3.77 12.23
CA GLY A 79 -3.32 -3.77 11.66
C GLY A 79 -3.30 -3.08 10.31
N GLY A 80 -2.09 -2.84 9.81
CA GLY A 80 -1.95 -2.19 8.51
C GLY A 80 -0.57 -2.27 7.99
N ILE A 81 -0.38 -1.63 6.80
CA ILE A 81 0.91 -1.71 6.11
C ILE A 81 1.41 -0.31 5.78
N TYR A 82 2.73 -0.19 5.75
CA TYR A 82 3.42 1.04 5.33
C TYR A 82 4.38 0.58 4.21
N LEU A 83 4.19 1.10 2.99
CA LEU A 83 5.01 0.74 1.83
C LEU A 83 5.81 1.96 1.43
N GLN A 84 7.10 1.83 1.08
N GLN A 84 7.06 1.75 1.04
CA GLN A 84 7.84 3.00 0.56
CA GLN A 84 7.85 2.92 0.67
C GLN A 84 8.87 2.50 -0.45
C GLN A 84 8.85 2.49 -0.43
N GLY A 85 9.10 3.33 -1.45
CA GLY A 85 10.13 3.10 -2.45
C GLY A 85 9.94 4.01 -3.63
N TYR A 86 10.01 3.43 -4.82
CA TYR A 86 10.00 4.22 -6.07
C TYR A 86 9.14 3.51 -7.12
N VAL A 87 8.60 4.33 -8.03
CA VAL A 87 7.77 3.86 -9.13
C VAL A 87 8.19 4.58 -10.39
N TYR A 88 8.45 3.87 -11.45
CA TYR A 88 8.81 4.49 -12.74
C TYR A 88 7.58 5.05 -13.41
N LEU A 89 7.59 6.37 -13.63
CA LEU A 89 6.51 7.07 -14.36
C LEU A 89 7.15 8.06 -15.31
N GLU A 90 6.65 8.04 -16.54
CA GLU A 90 6.97 9.11 -17.50
C GLU A 90 6.34 10.44 -17.05
N ALA A 91 6.92 11.56 -17.48
CA ALA A 91 6.26 12.87 -17.27
C ALA A 91 4.85 12.80 -17.86
N GLY A 92 3.88 13.40 -17.20
CA GLY A 92 2.51 13.43 -17.65
C GLY A 92 1.55 13.53 -16.50
N THR A 93 0.29 13.28 -16.80
CA THR A 93 -0.83 13.37 -15.87
C THR A 93 -1.31 11.96 -15.52
N TYR A 94 -1.67 11.76 -14.27
CA TYR A 94 -2.09 10.46 -13.75
C TYR A 94 -3.20 10.65 -12.75
N ASN A 95 -3.93 9.56 -12.46
CA ASN A 95 -4.80 9.57 -11.28
C ASN A 95 -4.96 8.15 -10.75
N PHE A 96 -5.09 8.05 -9.44
CA PHE A 96 -5.39 6.78 -8.77
C PHE A 96 -6.90 6.51 -8.74
N LYS A 97 -7.24 5.23 -8.72
CA LYS A 97 -8.58 4.74 -8.44
C LYS A 97 -8.39 3.57 -7.47
N VAL A 98 -8.84 3.73 -6.23
CA VAL A 98 -8.46 2.83 -5.14
C VAL A 98 -9.70 2.16 -4.57
N THR A 99 -9.65 0.83 -4.46
CA THR A 99 -10.65 0.04 -3.74
C THR A 99 -10.07 -0.33 -2.37
N ALA A 100 -10.77 -0.02 -1.30
CA ALA A 100 -10.19 -0.27 0.03
C ALA A 100 -11.25 -0.43 1.09
N ASP A 101 -10.85 -1.20 2.10
CA ASP A 101 -11.46 -1.29 3.44
C ASP A 101 -10.29 -1.59 4.35
N ASP A 102 -9.87 -0.72 5.27
CA ASP A 102 -10.48 0.54 5.69
C ASP A 102 -9.87 1.70 4.87
N GLY A 103 -9.18 2.63 5.50
CA GLY A 103 -8.66 3.82 4.82
C GLY A 103 -7.21 3.67 4.40
N TYR A 104 -6.69 4.75 3.83
CA TYR A 104 -5.37 4.73 3.19
C TYR A 104 -4.90 6.13 2.87
N GLU A 105 -3.60 6.23 2.61
CA GLU A 105 -3.05 7.44 1.99
C GLU A 105 -1.87 7.03 1.11
N ILE A 106 -1.83 7.56 -0.10
CA ILE A 106 -0.71 7.38 -1.04
C ILE A 106 -0.10 8.75 -1.28
N THR A 107 1.22 8.84 -1.22
CA THR A 107 1.92 10.04 -1.59
C THR A 107 2.90 9.74 -2.73
N ILE A 108 3.12 10.75 -3.58
CA ILE A 108 4.10 10.68 -4.67
C ILE A 108 4.96 11.93 -4.55
N ASN A 109 6.27 11.74 -4.52
CA ASN A 109 7.21 12.85 -4.32
C ASN A 109 6.78 13.68 -3.11
N GLY A 110 6.33 13.00 -2.06
CA GLY A 110 6.00 13.61 -0.77
C GLY A 110 4.63 14.23 -0.67
N ASN A 111 3.85 14.27 -1.76
CA ASN A 111 2.56 14.96 -1.80
C ASN A 111 1.43 13.96 -1.85
N PRO A 112 0.39 14.09 -1.01
CA PRO A 112 -0.72 13.14 -1.07
C PRO A 112 -1.41 13.22 -2.43
N VAL A 113 -1.71 12.05 -2.97
CA VAL A 113 -2.43 11.92 -4.25
C VAL A 113 -3.64 11.01 -4.13
N ALA A 114 -3.86 10.36 -3.00
CA ALA A 114 -5.07 9.53 -2.78
C ALA A 114 -5.21 9.36 -1.29
N THR A 115 -6.30 9.85 -0.72
CA THR A 115 -6.49 9.88 0.74
C THR A 115 -7.91 9.46 1.07
N VAL A 116 -8.05 8.52 2.01
CA VAL A 116 -9.30 8.25 2.75
C VAL A 116 -8.93 8.19 4.22
N ASP A 117 -9.27 9.26 4.94
CA ASP A 117 -8.83 9.46 6.35
C ASP A 117 -9.89 8.99 7.34
N ASN A 118 -10.39 7.77 7.15
CA ASN A 118 -11.46 7.24 8.01
C ASN A 118 -11.63 5.77 7.68
N ASN A 119 -12.41 5.10 8.53
CA ASN A 119 -12.79 3.70 8.31
C ASN A 119 -13.94 3.62 7.32
N GLN A 120 -14.02 2.49 6.62
CA GLN A 120 -15.09 2.28 5.64
C GLN A 120 -15.13 0.80 5.26
N SER A 121 -16.36 0.34 5.01
N SER A 121 -16.36 0.34 5.01
CA SER A 121 -16.50 -0.95 4.29
CA SER A 121 -16.49 -0.95 4.29
C SER A 121 -16.02 -0.68 2.85
C SER A 121 -16.03 -0.68 2.85
N VAL A 122 -15.89 -1.74 2.06
CA VAL A 122 -15.25 -1.61 0.76
C VAL A 122 -15.92 -0.55 -0.08
N TYR A 123 -15.08 0.29 -0.62
CA TYR A 123 -15.50 1.36 -1.49
C TYR A 123 -14.36 1.69 -2.47
N THR A 124 -14.76 2.08 -3.69
CA THR A 124 -13.81 2.48 -4.75
C THR A 124 -13.95 3.99 -4.99
N VAL A 125 -12.83 4.69 -4.86
CA VAL A 125 -12.75 6.15 -5.10
C VAL A 125 -11.86 6.38 -6.31
N THR A 126 -12.38 7.19 -7.24
CA THR A 126 -11.60 7.78 -8.32
C THR A 126 -11.02 9.10 -7.80
N HIS A 127 -9.72 9.19 -7.67
CA HIS A 127 -9.07 10.36 -7.09
C HIS A 127 -8.75 11.38 -8.18
N ALA A 128 -8.51 12.60 -7.74
CA ALA A 128 -8.13 13.73 -8.62
C ALA A 128 -6.77 13.44 -9.25
N SER A 129 -6.55 14.08 -10.39
N SER A 129 -6.55 14.06 -10.40
CA SER A 129 -5.28 13.92 -11.11
CA SER A 129 -5.29 13.89 -11.15
C SER A 129 -4.13 14.59 -10.38
C SER A 129 -4.15 14.67 -10.52
N PHE A 130 -2.94 14.20 -10.78
CA PHE A 130 -1.68 14.84 -10.40
C PHE A 130 -0.74 14.76 -11.59
N THR A 131 0.32 15.55 -11.49
N THR A 131 0.29 15.61 -11.59
CA THR A 131 1.30 15.62 -12.56
CA THR A 131 1.26 15.61 -12.70
C THR A 131 2.63 15.07 -12.09
C THR A 131 2.66 15.27 -12.21
N ILE A 132 3.36 14.53 -13.06
CA ILE A 132 4.78 14.16 -12.92
C ILE A 132 5.53 15.08 -13.86
N SER A 133 6.48 15.83 -13.35
CA SER A 133 7.21 16.81 -14.17
C SER A 133 8.39 16.20 -14.93
N GLU A 134 9.03 15.16 -14.40
CA GLU A 134 10.23 14.62 -15.05
C GLU A 134 10.18 13.10 -15.03
N SER A 135 10.32 12.49 -16.19
CA SER A 135 10.31 11.01 -16.30
C SER A 135 11.39 10.40 -15.39
N GLY A 136 11.04 9.26 -14.83
CA GLY A 136 12.00 8.49 -14.05
C GLY A 136 11.32 7.82 -12.87
N TYR A 137 12.16 7.35 -11.97
CA TYR A 137 11.66 6.78 -10.71
C TYR A 137 11.22 7.90 -9.79
N GLN A 138 9.96 7.88 -9.43
CA GLN A 138 9.34 8.84 -8.51
C GLN A 138 9.28 8.22 -7.11
N ALA A 139 9.47 9.01 -6.06
CA ALA A 139 9.27 8.51 -4.72
C ALA A 139 7.79 8.25 -4.50
N ILE A 140 7.48 7.14 -3.82
CA ILE A 140 6.10 6.81 -3.48
C ILE A 140 6.08 6.18 -2.10
N ASP A 141 5.02 6.52 -1.35
N ASP A 141 5.01 6.52 -1.36
CA ASP A 141 4.76 5.74 -0.17
CA ASP A 141 4.75 5.72 -0.19
C ASP A 141 3.22 5.51 -0.02
C ASP A 141 3.22 5.51 -0.02
N MET A 142 2.85 4.46 0.73
CA MET A 142 1.44 4.14 0.98
C MET A 142 1.27 3.71 2.42
N ILE A 143 0.14 4.07 2.99
CA ILE A 143 -0.36 3.45 4.21
CA ILE A 143 -0.39 3.46 4.22
C ILE A 143 -1.76 2.94 3.92
N TRP A 144 -2.11 1.83 4.55
CA TRP A 144 -3.43 1.23 4.51
C TRP A 144 -3.64 0.54 5.84
N TRP A 145 -4.88 0.49 6.34
CA TRP A 145 -5.12 -0.31 7.55
C TRP A 145 -6.49 -0.91 7.53
N ASP A 146 -6.64 -1.88 8.44
CA ASP A 146 -7.91 -2.54 8.78
C ASP A 146 -8.18 -2.33 10.25
N GLN A 147 -9.34 -1.74 10.56
CA GLN A 147 -9.80 -1.58 11.97
C GLN A 147 -10.49 -2.84 12.47
N GLY A 148 -10.75 -3.79 11.59
CA GLY A 148 -11.47 -5.01 11.91
C GLY A 148 -12.43 -5.37 10.81
N GLY A 149 -12.82 -6.64 10.80
CA GLY A 149 -13.81 -7.14 9.87
C GLY A 149 -13.25 -7.47 8.51
N ASP A 150 -13.85 -6.92 7.46
CA ASP A 150 -13.37 -7.17 6.10
CA ASP A 150 -13.36 -7.18 6.10
C ASP A 150 -12.17 -6.27 5.80
N TYR A 151 -11.46 -6.60 4.72
CA TYR A 151 -10.24 -5.87 4.36
C TYR A 151 -9.97 -6.10 2.87
N VAL A 152 -9.52 -5.04 2.20
CA VAL A 152 -9.08 -5.10 0.80
C VAL A 152 -8.26 -3.86 0.53
N PHE A 153 -7.28 -3.92 -0.38
CA PHE A 153 -6.52 -2.75 -0.78
C PHE A 153 -5.99 -2.94 -2.19
N GLN A 154 -6.55 -2.16 -3.12
CA GLN A 154 -6.11 -2.23 -4.54
C GLN A 154 -6.04 -0.83 -5.12
N PRO A 155 -4.88 -0.18 -5.00
N PRO A 155 -4.86 -0.18 -5.09
CA PRO A 155 -4.68 1.06 -5.71
CA PRO A 155 -4.70 1.18 -5.63
C PRO A 155 -4.47 0.64 -7.17
C PRO A 155 -4.21 1.19 -7.10
N THR A 156 -5.12 1.34 -8.04
CA THR A 156 -4.80 1.28 -9.47
C THR A 156 -4.50 2.68 -9.96
N LEU A 157 -3.77 2.76 -11.07
CA LEU A 157 -3.27 4.08 -11.60
C LEU A 157 -3.60 4.16 -13.08
N SER A 158 -4.04 5.34 -13.52
CA SER A 158 -4.28 5.63 -14.95
C SER A 158 -3.32 6.70 -15.42
N ALA A 159 -2.78 6.47 -16.62
CA ALA A 159 -1.96 7.42 -17.37
C ALA A 159 -2.71 8.03 -18.55
N ASP A 160 -3.94 7.65 -18.79
CA ASP A 160 -4.63 8.00 -20.02
C ASP A 160 -6.00 8.60 -19.71
N GLY A 161 -6.06 9.37 -18.63
CA GLY A 161 -7.30 10.10 -18.30
C GLY A 161 -8.42 9.23 -17.83
N GLY A 162 -8.09 8.12 -17.19
CA GLY A 162 -9.08 7.23 -16.60
C GLY A 162 -9.71 6.26 -17.53
N SER A 163 -9.21 6.12 -18.75
N SER A 163 -9.12 6.04 -18.71
CA SER A 163 -9.74 5.07 -19.64
CA SER A 163 -9.63 5.06 -19.69
C SER A 163 -9.25 3.68 -19.22
C SER A 163 -9.18 3.64 -19.37
N THR A 164 -7.95 3.54 -18.88
CA THR A 164 -7.39 2.26 -18.42
C THR A 164 -6.64 2.52 -17.15
N TYR A 165 -6.62 1.48 -16.31
CA TYR A 165 -5.92 1.53 -15.02
C TYR A 165 -5.07 0.25 -14.89
N PHE A 166 -3.94 0.39 -14.19
CA PHE A 166 -3.06 -0.75 -13.93
C PHE A 166 -2.73 -0.82 -12.45
N VAL A 167 -2.43 -2.05 -11.99
CA VAL A 167 -1.86 -2.31 -10.67
C VAL A 167 -0.39 -1.96 -10.68
N LEU A 168 0.10 -1.43 -9.57
N LEU A 168 0.09 -1.44 -9.56
CA LEU A 168 1.54 -1.19 -9.37
CA LEU A 168 1.52 -1.21 -9.37
C LEU A 168 2.21 -2.48 -8.98
C LEU A 168 2.19 -2.51 -9.00
N ASP A 169 3.15 -2.94 -9.81
CA ASP A 169 3.77 -4.24 -9.65
C ASP A 169 5.22 -4.18 -10.12
N SER A 170 5.83 -5.36 -10.22
CA SER A 170 7.26 -5.48 -10.50
C SER A 170 7.63 -4.88 -11.85
N ALA A 171 6.70 -4.62 -12.76
CA ALA A 171 7.05 -3.96 -14.01
C ALA A 171 7.67 -2.57 -13.79
N ILE A 172 7.26 -1.85 -12.78
CA ILE A 172 7.63 -0.42 -12.61
C ILE A 172 8.11 -0.06 -11.21
N LEU A 173 8.05 -0.97 -10.23
CA LEU A 173 8.46 -0.63 -8.85
C LEU A 173 9.95 -0.89 -8.67
N SER A 174 10.57 -0.08 -7.81
CA SER A 174 11.96 -0.29 -7.40
C SER A 174 12.07 0.06 -5.92
N SER A 175 12.80 -0.77 -5.17
CA SER A 175 12.92 -0.53 -3.73
C SER A 175 13.82 0.67 -3.45
N THR A 176 14.82 0.91 -4.28
CA THR A 176 15.86 1.93 -4.01
C THR A 176 15.91 3.06 -5.04
N GLY A 177 15.24 2.90 -6.16
CA GLY A 177 15.36 3.85 -7.28
C GLY A 177 16.39 3.42 -8.30
N GLU A 178 17.16 2.39 -8.06
CA GLU A 178 17.99 1.78 -9.09
C GLU A 178 17.14 0.84 -9.94
N THR A 179 17.61 0.55 -11.13
CA THR A 179 16.84 -0.30 -12.04
C THR A 179 16.95 -1.76 -11.61
N PRO A 180 15.83 -2.46 -11.32
CA PRO A 180 15.93 -3.86 -10.91
C PRO A 180 16.02 -4.77 -12.16
N TYR A 181 16.84 -5.81 -12.01
CA TYR A 181 17.01 -6.91 -12.98
C TYR A 181 16.79 -8.24 -12.24
N THR A 182 15.61 -8.43 -11.75
CA THR A 182 15.29 -9.55 -10.87
C THR A 182 14.23 -10.46 -11.53
C1 FUL B . -17.22 -3.04 9.62
C2 FUL B . -16.14 -3.92 9.09
O2 FUL B . -16.63 -5.25 8.81
C3 FUL B . -15.64 -3.30 7.80
O3 FUL B . -14.57 -4.11 7.30
C4 FUL B . -15.21 -1.86 8.04
O4 FUL B . -13.99 -1.85 8.76
C5 FUL B . -16.31 -1.08 8.73
C6 FUL B . -15.88 0.31 9.13
O5 FUL B . -16.71 -1.75 9.94
O1 FUL B . -17.72 -3.59 10.84
H1 FUL B . -17.93 -2.96 8.97
H2 FUL B . -15.41 -3.97 9.73
HO2 FUL B . -16.89 -5.62 9.53
H3 FUL B . -16.36 -3.30 7.16
HO3 FUL B . -14.68 -4.24 6.46
H4 FUL B . -15.06 -1.45 7.17
HO4 FUL B . -13.33 -1.84 8.22
H5 FUL B . -17.08 -1.02 8.14
H61 FUL B . -15.44 0.74 8.39
H62 FUL B . -16.66 0.83 9.38
H63 FUL B . -15.27 0.26 9.89
HO1 FUL B . -18.54 -3.36 10.94
CA CA C . -12.22 -3.46 7.94
CA CA D . -0.41 -14.56 12.13
CA CA E . -10.55 -2.22 15.85
CA CA F . 8.56 1.85 13.26
CA CA G . -4.33 -12.00 -4.12
CA CA H . 4.35 15.20 2.78
C1 EDO I . -1.50 -18.93 5.01
O1 EDO I . -1.80 -20.06 5.80
C2 EDO I . 0.00 -18.77 4.82
O2 EDO I . 0.38 -18.87 3.49
H11 EDO I . -1.93 -18.02 5.41
H12 EDO I . -1.96 -19.11 4.04
HO1 EDO I . -2.75 -20.13 5.91
H21 EDO I . 0.51 -19.55 5.40
H22 EDO I . 0.29 -17.84 5.21
HO2 EDO I . 0.82 -19.71 3.33
C1 FUC J . -17.21 -3.08 9.75
C2 FUC J . -16.13 -3.92 9.11
C3 FUC J . -15.63 -3.30 7.81
C4 FUC J . -15.20 -1.86 8.05
C5 FUC J . -16.31 -1.09 8.74
C6 FUC J . -15.88 0.31 9.13
O1 FUC J . -18.31 -3.04 8.93
O2 FUC J . -16.63 -5.25 8.82
O3 FUC J . -14.53 -4.09 7.30
O4 FUC J . -13.97 -1.87 8.75
O5 FUC J . -16.71 -1.77 9.95
H1 FUC J . -17.47 -3.46 10.74
H2 FUC J . -15.30 -4.01 9.81
H3 FUC J . -16.45 -3.30 7.08
H4 FUC J . -15.07 -1.39 7.06
H5 FUC J . -17.18 -1.06 8.06
H61 FUC J . -16.70 0.83 9.64
H62 FUC J . -15.59 0.87 8.24
H63 FUC J . -15.02 0.26 9.81
HO1 FUC J . -18.85 -2.28 9.19
HO2 FUC J . -16.63 -5.71 9.67
CA CA K . 5.56 -14.93 -3.91
#